data_3EFS
#
_entry.id   3EFS
#
_cell.length_a   41.225
_cell.length_b   81.695
_cell.length_c   143.278
_cell.angle_alpha   90.00
_cell.angle_beta   90.00
_cell.angle_gamma   90.00
#
_symmetry.space_group_name_H-M   'P 21 21 21'
#
loop_
_entity.id
_entity.type
_entity.pdbx_description
1 polymer 'Biotin [acetyl-CoA-carboxylase] ligase'
2 non-polymer "ADENOSINE-5'-TRIPHOSPHATE"
3 non-polymer BIOTIN
4 non-polymer 'SULFATE ION'
5 water water
#
_entity_poly.entity_id   1
_entity_poly.type   'polypeptide(L)'
_entity_poly.pdbx_seq_one_letter_code
;MFKNLIWLKEVDSTQERLKEWNVSYGTALVADRQTKGRGRLGRKWLSQEGGLYFSFLLNPKEFENLLQLPLVLGLSVSEA
LEEITEIPFSLKWPNDVYFQEKKVSGVLRELSKDKLIVGIGINVNQREIPEEIKDRATTLYEITGKDWDRKEVLLKVLKR
ISENLKKFKEKSFKEFKGKIESKMLYLGEEVKLLGEGKITGKLVGLSEKGGALILTEEGIKEILSGEFSLRRS
;
_entity_poly.pdbx_strand_id   A,B
#
# COMPACT_ATOMS: atom_id res chain seq x y z
N PHE A 2 -14.04 5.31 -31.86
CA PHE A 2 -12.67 4.82 -32.00
C PHE A 2 -12.58 3.70 -33.03
N LYS A 3 -11.89 3.97 -34.13
CA LYS A 3 -11.70 2.98 -35.18
C LYS A 3 -10.33 3.11 -35.83
N ASN A 4 -9.87 4.35 -35.99
CA ASN A 4 -8.56 4.60 -36.57
C ASN A 4 -7.44 4.43 -35.56
N LEU A 5 -6.40 3.70 -35.94
CA LEU A 5 -5.30 3.40 -35.03
C LEU A 5 -3.94 3.79 -35.60
N ILE A 6 -3.05 4.21 -34.71
CA ILE A 6 -1.66 4.45 -35.06
C ILE A 6 -0.81 3.44 -34.30
N TRP A 7 -0.24 2.47 -35.02
CA TRP A 7 0.49 1.40 -34.39
C TRP A 7 2.00 1.52 -34.60
N LEU A 8 2.72 1.82 -33.53
CA LEU A 8 4.18 1.87 -33.59
C LEU A 8 4.78 0.63 -32.92
N LYS A 9 5.98 0.25 -33.35
CA LYS A 9 6.65 -0.92 -32.78
C LYS A 9 7.23 -0.59 -31.41
N GLU A 10 7.94 0.52 -31.32
CA GLU A 10 8.57 0.92 -30.06
C GLU A 10 8.63 2.44 -29.94
N VAL A 11 8.34 2.92 -28.74
CA VAL A 11 8.36 4.36 -28.47
C VAL A 11 8.66 4.62 -27.00
N ASP A 12 9.02 5.86 -26.68
CA ASP A 12 9.32 6.23 -25.31
C ASP A 12 8.07 6.17 -24.41
N SER A 13 6.97 6.74 -24.88
CA SER A 13 5.71 6.73 -24.13
C SER A 13 4.60 7.33 -24.96
N THR A 14 3.51 6.58 -25.14
CA THR A 14 2.37 7.04 -25.91
C THR A 14 1.81 8.32 -25.33
N GLN A 15 1.93 8.47 -24.02
CA GLN A 15 1.53 9.69 -23.33
C GLN A 15 2.41 10.86 -23.79
N GLU A 16 3.72 10.65 -23.77
CA GLU A 16 4.66 11.70 -24.16
C GLU A 16 4.48 12.09 -25.62
N ARG A 17 4.22 11.10 -26.47
CA ARG A 17 4.04 11.35 -27.90
C ARG A 17 2.83 12.23 -28.19
N LEU A 18 1.74 12.00 -27.47
CA LEU A 18 0.53 12.78 -27.68
C LEU A 18 0.62 14.17 -27.03
N LYS A 19 1.69 14.39 -26.29
CA LYS A 19 1.94 15.71 -25.71
C LYS A 19 2.62 16.61 -26.74
N GLU A 20 3.40 16.00 -27.62
CA GLU A 20 4.11 16.75 -28.65
C GLU A 20 3.32 16.76 -29.95
N TRP A 21 2.63 15.67 -30.25
CA TRP A 21 1.86 15.56 -31.48
C TRP A 21 0.41 15.99 -31.28
N ASN A 22 -0.13 16.71 -32.25
CA ASN A 22 -1.51 17.13 -32.21
C ASN A 22 -2.40 16.19 -33.02
N VAL A 23 -3.03 15.25 -32.32
CA VAL A 23 -3.90 14.26 -32.97
C VAL A 23 -5.36 14.65 -32.78
N SER A 24 -6.21 14.16 -33.67
CA SER A 24 -7.65 14.42 -33.58
C SER A 24 -8.30 13.47 -32.58
N TYR A 25 -9.51 13.82 -32.15
CA TYR A 25 -10.26 12.98 -31.22
C TYR A 25 -10.73 11.71 -31.91
N GLY A 26 -10.86 10.64 -31.14
CA GLY A 26 -11.29 9.36 -31.69
C GLY A 26 -10.13 8.61 -32.31
N THR A 27 -8.91 8.97 -31.92
CA THR A 27 -7.72 8.31 -32.42
C THR A 27 -6.86 7.79 -31.27
N ALA A 28 -6.45 6.53 -31.36
CA ALA A 28 -5.64 5.93 -30.31
C ALA A 28 -4.24 5.60 -30.82
N LEU A 29 -3.24 6.00 -30.05
CA LEU A 29 -1.85 5.69 -30.38
C LEU A 29 -1.43 4.42 -29.65
N VAL A 30 -1.05 3.40 -30.41
CA VAL A 30 -0.68 2.11 -29.83
C VAL A 30 0.80 1.83 -30.04
N ALA A 31 1.44 1.24 -29.03
CA ALA A 31 2.84 0.90 -29.10
C ALA A 31 3.10 -0.48 -28.49
N ASP A 32 3.82 -1.32 -29.23
CA ASP A 32 4.12 -2.67 -28.76
C ASP A 32 5.05 -2.65 -27.56
N ARG A 33 5.89 -1.63 -27.47
CA ARG A 33 6.88 -1.55 -26.40
C ARG A 33 7.12 -0.10 -25.99
N GLN A 34 7.50 0.10 -24.73
CA GLN A 34 7.79 1.44 -24.21
C GLN A 34 9.07 1.46 -23.41
N THR A 35 9.95 2.40 -23.74
CA THR A 35 11.24 2.52 -23.07
C THR A 35 11.14 3.41 -21.83
N LYS A 36 10.20 4.34 -21.85
CA LYS A 36 10.04 5.29 -20.75
C LYS A 36 8.59 5.32 -20.26
N GLY A 37 8.03 4.14 -20.03
CA GLY A 37 6.67 4.01 -19.55
C GLY A 37 6.49 4.59 -18.15
N ARG A 38 5.50 5.45 -17.99
CA ARG A 38 5.32 6.16 -16.72
C ARG A 38 3.96 5.86 -16.08
N GLY A 39 3.92 5.96 -14.75
CA GLY A 39 2.70 5.76 -14.01
C GLY A 39 2.04 7.09 -13.67
N ARG A 40 1.21 7.09 -12.64
CA ARG A 40 0.47 8.29 -12.25
C ARG A 40 1.30 9.33 -11.50
N LEU A 41 2.52 8.96 -11.12
CA LEU A 41 3.40 9.88 -10.42
C LEU A 41 4.86 9.67 -10.82
N GLY A 42 5.10 9.50 -12.12
CA GLY A 42 6.44 9.37 -12.65
C GLY A 42 7.11 8.04 -12.32
N ARG A 43 6.34 7.08 -11.82
CA ARG A 43 6.88 5.76 -11.51
C ARG A 43 7.04 4.92 -12.78
N LYS A 44 7.99 3.99 -12.74
CA LYS A 44 8.29 3.15 -13.90
C LYS A 44 7.17 2.16 -14.18
N TRP A 45 6.62 2.22 -15.39
CA TRP A 45 5.61 1.26 -15.83
C TRP A 45 6.21 0.27 -16.82
N LEU A 46 6.62 -0.89 -16.31
CA LEU A 46 7.26 -1.91 -17.13
C LEU A 46 6.41 -2.26 -18.35
N SER A 47 6.95 -1.99 -19.54
CA SER A 47 6.22 -2.22 -20.78
C SER A 47 7.01 -3.08 -21.76
N GLN A 48 7.01 -4.39 -21.51
CA GLN A 48 7.71 -5.33 -22.37
C GLN A 48 6.81 -5.85 -23.50
N GLU A 49 7.38 -6.64 -24.39
CA GLU A 49 6.65 -7.18 -25.52
C GLU A 49 5.51 -8.10 -25.07
N GLY A 50 4.39 -8.03 -25.77
CA GLY A 50 3.24 -8.85 -25.46
C GLY A 50 2.16 -8.09 -24.71
N GLY A 51 2.52 -6.89 -24.24
CA GLY A 51 1.59 -6.05 -23.52
C GLY A 51 0.82 -5.10 -24.42
N LEU A 52 -0.17 -4.44 -23.87
CA LEU A 52 -0.96 -3.47 -24.62
C LEU A 52 -0.80 -2.09 -24.01
N TYR A 53 -0.24 -1.17 -24.80
CA TYR A 53 0.02 0.19 -24.32
C TYR A 53 -0.48 1.20 -25.33
N PHE A 54 -1.49 1.98 -24.93
CA PHE A 54 -2.05 2.97 -25.83
C PHE A 54 -2.55 4.23 -25.11
N SER A 55 -2.62 5.32 -25.86
CA SER A 55 -3.14 6.59 -25.35
C SER A 55 -4.06 7.23 -26.36
N PHE A 56 -5.01 8.05 -25.88
CA PHE A 56 -5.88 8.81 -26.76
C PHE A 56 -6.26 10.14 -26.14
N LEU A 57 -6.80 11.04 -26.96
CA LEU A 57 -7.19 12.37 -26.50
C LEU A 57 -8.70 12.50 -26.31
N LEU A 58 -9.07 13.30 -25.31
CA LEU A 58 -10.46 13.65 -25.09
C LEU A 58 -10.60 15.17 -24.95
N ASN A 59 -11.80 15.67 -25.16
CA ASN A 59 -12.05 17.10 -25.02
C ASN A 59 -12.24 17.49 -23.56
N PRO A 60 -11.33 18.32 -23.03
CA PRO A 60 -11.37 18.76 -21.64
C PRO A 60 -12.65 19.51 -21.30
N LYS A 61 -13.34 20.01 -22.32
CA LYS A 61 -14.56 20.78 -22.12
C LYS A 61 -15.80 19.89 -22.11
N GLU A 62 -15.61 18.61 -22.42
CA GLU A 62 -16.72 17.67 -22.49
C GLU A 62 -16.84 16.80 -21.24
N PHE A 63 -15.71 16.26 -20.79
CA PHE A 63 -15.71 15.35 -19.65
C PHE A 63 -15.05 15.95 -18.42
N GLU A 64 -15.68 15.74 -17.27
CA GLU A 64 -15.09 16.12 -15.99
C GLU A 64 -14.24 14.96 -15.47
N ASN A 65 -12.93 15.16 -15.49
CA ASN A 65 -11.98 14.08 -15.24
C ASN A 65 -11.45 13.99 -13.80
N LEU A 66 -12.29 14.34 -12.83
CA LEU A 66 -11.89 14.25 -11.44
C LEU A 66 -11.87 12.81 -10.95
N LEU A 67 -13.05 12.22 -10.79
CA LEU A 67 -13.17 10.83 -10.34
C LEU A 67 -14.03 10.00 -11.27
N GLN A 68 -15.06 10.63 -11.84
CA GLN A 68 -16.03 9.93 -12.66
C GLN A 68 -15.43 9.30 -13.92
N LEU A 69 -14.60 10.07 -14.61
CA LEU A 69 -13.98 9.59 -15.85
C LEU A 69 -13.15 8.32 -15.66
N PRO A 70 -12.19 8.34 -14.72
CA PRO A 70 -11.35 7.17 -14.49
C PRO A 70 -12.17 5.92 -14.17
N LEU A 71 -13.26 6.09 -13.42
CA LEU A 71 -14.12 4.96 -13.07
C LEU A 71 -14.82 4.38 -14.30
N VAL A 72 -15.28 5.26 -15.18
CA VAL A 72 -15.95 4.83 -16.39
C VAL A 72 -14.99 4.14 -17.34
N LEU A 73 -13.78 4.70 -17.46
CA LEU A 73 -12.75 4.09 -18.30
C LEU A 73 -12.38 2.71 -17.76
N GLY A 74 -12.25 2.61 -16.44
CA GLY A 74 -11.96 1.33 -15.82
C GLY A 74 -13.06 0.32 -16.05
N LEU A 75 -14.31 0.77 -15.92
CA LEU A 75 -15.46 -0.08 -16.17
C LEU A 75 -15.39 -0.61 -17.60
N SER A 76 -15.06 0.27 -18.53
CA SER A 76 -15.02 -0.06 -19.94
C SER A 76 -14.04 -1.19 -20.26
N VAL A 77 -12.82 -1.06 -19.76
CA VAL A 77 -11.80 -2.09 -20.00
C VAL A 77 -12.14 -3.42 -19.34
N SER A 78 -12.70 -3.36 -18.13
CA SER A 78 -13.09 -4.58 -17.44
C SER A 78 -14.22 -5.28 -18.20
N GLU A 79 -15.16 -4.50 -18.70
CA GLU A 79 -16.27 -5.06 -19.47
C GLU A 79 -15.78 -5.74 -20.74
N ALA A 80 -14.77 -5.16 -21.38
CA ALA A 80 -14.21 -5.72 -22.60
C ALA A 80 -13.47 -7.02 -22.32
N LEU A 81 -12.65 -7.02 -21.27
CA LEU A 81 -11.85 -8.20 -20.92
C LEU A 81 -12.73 -9.36 -20.49
N GLU A 82 -13.81 -9.06 -19.79
CA GLU A 82 -14.72 -10.10 -19.31
C GLU A 82 -15.47 -10.76 -20.47
N GLU A 83 -15.78 -9.98 -21.49
CA GLU A 83 -16.49 -10.48 -22.65
C GLU A 83 -15.60 -11.42 -23.46
N ILE A 84 -14.30 -11.17 -23.45
CA ILE A 84 -13.37 -11.94 -24.26
C ILE A 84 -12.84 -13.17 -23.52
N THR A 85 -12.40 -12.99 -22.29
CA THR A 85 -11.78 -14.06 -21.52
C THR A 85 -12.80 -14.85 -20.69
N GLU A 86 -13.98 -14.26 -20.51
CA GLU A 86 -15.02 -14.90 -19.71
C GLU A 86 -14.57 -15.05 -18.26
N ILE A 87 -13.73 -14.11 -17.82
CA ILE A 87 -13.23 -14.10 -16.45
C ILE A 87 -13.65 -12.81 -15.75
N PRO A 88 -14.11 -12.94 -14.50
CA PRO A 88 -14.55 -11.77 -13.71
C PRO A 88 -13.38 -10.87 -13.33
N PHE A 89 -13.59 -9.56 -13.37
CA PHE A 89 -12.57 -8.60 -12.96
C PHE A 89 -13.11 -7.59 -11.96
N SER A 90 -12.20 -6.97 -11.21
CA SER A 90 -12.56 -6.00 -10.19
C SER A 90 -12.05 -4.61 -10.53
N LEU A 91 -12.63 -3.60 -9.90
CA LEU A 91 -12.21 -2.22 -10.12
C LEU A 91 -11.67 -1.60 -8.83
N LYS A 92 -10.44 -1.09 -8.91
CA LYS A 92 -9.83 -0.41 -7.78
C LYS A 92 -10.07 1.09 -7.86
N TRP A 93 -10.75 1.63 -6.85
CA TRP A 93 -11.01 3.06 -6.79
C TRP A 93 -9.69 3.83 -6.69
N PRO A 94 -9.52 4.87 -7.52
CA PRO A 94 -10.53 5.33 -8.49
C PRO A 94 -10.21 4.94 -9.92
N ASN A 95 -9.06 4.31 -10.16
CA ASN A 95 -8.60 4.09 -11.52
C ASN A 95 -7.65 2.91 -11.72
N ASP A 96 -8.16 1.70 -11.63
CA ASP A 96 -7.39 0.49 -11.91
C ASP A 96 -8.26 -0.75 -12.05
N VAL A 97 -7.81 -1.70 -12.86
CA VAL A 97 -8.52 -2.96 -13.06
C VAL A 97 -7.72 -4.13 -12.49
N TYR A 98 -8.34 -4.88 -11.58
CA TYR A 98 -7.65 -5.96 -10.89
C TYR A 98 -8.31 -7.32 -11.13
N PHE A 99 -7.53 -8.38 -10.96
CA PHE A 99 -8.06 -9.73 -10.90
C PHE A 99 -7.66 -10.33 -9.56
N GLN A 100 -8.63 -10.45 -8.65
CA GLN A 100 -8.36 -10.90 -7.30
C GLN A 100 -7.54 -9.87 -6.53
N GLU A 101 -6.22 -10.08 -6.47
CA GLU A 101 -5.35 -9.17 -5.76
C GLU A 101 -4.28 -8.56 -6.66
N LYS A 102 -4.20 -9.07 -7.89
CA LYS A 102 -3.20 -8.62 -8.84
C LYS A 102 -3.77 -7.62 -9.83
N LYS A 103 -2.98 -6.60 -10.15
CA LYS A 103 -3.42 -5.58 -11.11
C LYS A 103 -3.17 -6.05 -12.54
N VAL A 104 -4.15 -5.87 -13.41
CA VAL A 104 -4.04 -6.30 -14.80
C VAL A 104 -4.02 -5.10 -15.75
N SER A 105 -4.62 -4.00 -15.33
CA SER A 105 -4.70 -2.81 -16.18
C SER A 105 -4.68 -1.53 -15.36
N GLY A 106 -3.90 -0.56 -15.83
CA GLY A 106 -3.82 0.74 -15.17
C GLY A 106 -4.32 1.84 -16.07
N VAL A 107 -5.11 2.74 -15.49
CA VAL A 107 -5.67 3.88 -16.23
C VAL A 107 -5.05 5.19 -15.78
N LEU A 108 -4.63 5.99 -16.73
CA LEU A 108 -3.94 7.24 -16.44
C LEU A 108 -4.49 8.41 -17.25
N ARG A 109 -4.67 9.56 -16.60
CA ARG A 109 -5.06 10.78 -17.29
C ARG A 109 -4.11 11.92 -16.96
N GLU A 110 -3.76 12.70 -17.98
CA GLU A 110 -2.84 13.82 -17.81
C GLU A 110 -3.33 15.04 -18.59
N LEU A 111 -2.97 16.22 -18.09
CA LEU A 111 -3.34 17.47 -18.76
C LEU A 111 -2.10 18.26 -19.15
N SER A 112 -1.97 18.57 -20.42
CA SER A 112 -0.82 19.33 -20.92
C SER A 112 -1.26 20.39 -21.93
N LYS A 113 -1.60 21.57 -21.42
CA LYS A 113 -2.02 22.68 -22.27
C LYS A 113 -3.27 22.33 -23.07
N ASP A 114 -4.43 22.65 -22.52
CA ASP A 114 -5.72 22.37 -23.15
C ASP A 114 -5.80 21.00 -23.82
N LYS A 115 -5.21 20.00 -23.16
CA LYS A 115 -5.27 18.62 -23.64
C LYS A 115 -5.61 17.66 -22.52
N LEU A 116 -6.51 16.73 -22.80
CA LEU A 116 -6.82 15.65 -21.86
C LEU A 116 -6.33 14.32 -22.45
N ILE A 117 -5.22 13.83 -21.94
CA ILE A 117 -4.59 12.64 -22.50
C ILE A 117 -4.75 11.42 -21.61
N VAL A 118 -5.44 10.41 -22.14
CA VAL A 118 -5.68 9.18 -21.40
C VAL A 118 -4.73 8.07 -21.84
N GLY A 119 -4.11 7.42 -20.87
CA GLY A 119 -3.18 6.33 -21.15
C GLY A 119 -3.58 5.07 -20.43
N ILE A 120 -3.82 4.00 -21.19
CA ILE A 120 -4.22 2.73 -20.60
C ILE A 120 -3.21 1.63 -20.89
N GLY A 121 -2.78 0.94 -19.84
CA GLY A 121 -1.87 -0.19 -19.98
C GLY A 121 -2.56 -1.48 -19.61
N ILE A 122 -2.50 -2.47 -20.49
CA ILE A 122 -3.13 -3.76 -20.24
C ILE A 122 -2.13 -4.90 -20.36
N ASN A 123 -2.02 -5.70 -19.30
CA ASN A 123 -1.17 -6.88 -19.31
C ASN A 123 -1.89 -8.06 -19.95
N VAL A 124 -1.43 -8.48 -21.12
CA VAL A 124 -2.12 -9.54 -21.85
C VAL A 124 -1.24 -10.78 -22.09
N ASN A 125 -0.14 -10.61 -22.81
CA ASN A 125 0.69 -11.75 -23.19
C ASN A 125 2.13 -11.73 -22.66
N GLN A 126 2.38 -10.96 -21.61
CA GLN A 126 3.71 -10.94 -21.00
C GLN A 126 4.05 -12.31 -20.43
N ARG A 127 5.09 -12.94 -20.97
CA ARG A 127 5.51 -14.26 -20.54
C ARG A 127 6.33 -14.19 -19.25
N GLU A 128 7.35 -13.35 -19.27
CA GLU A 128 8.22 -13.18 -18.10
C GLU A 128 7.81 -11.95 -17.30
N ILE A 129 7.42 -12.17 -16.05
CA ILE A 129 6.99 -11.08 -15.17
C ILE A 129 8.00 -10.81 -14.06
N PRO A 130 8.45 -9.55 -13.94
CA PRO A 130 9.42 -9.13 -12.92
C PRO A 130 8.93 -9.42 -11.51
N GLU A 131 9.85 -9.81 -10.64
CA GLU A 131 9.51 -10.15 -9.26
C GLU A 131 9.04 -8.94 -8.45
N GLU A 132 9.53 -7.76 -8.80
CA GLU A 132 9.20 -6.55 -8.04
C GLU A 132 7.72 -6.17 -8.18
N ILE A 133 7.06 -6.69 -9.21
CA ILE A 133 5.65 -6.41 -9.42
C ILE A 133 4.83 -7.71 -9.40
N LYS A 134 5.53 -8.83 -9.36
CA LYS A 134 4.88 -10.14 -9.44
C LYS A 134 3.82 -10.33 -8.36
N ASP A 135 3.99 -9.65 -7.23
CA ASP A 135 3.10 -9.84 -6.09
C ASP A 135 1.83 -8.98 -6.17
N ARG A 136 1.82 -8.01 -7.09
CA ARG A 136 0.68 -7.11 -7.21
C ARG A 136 0.24 -6.95 -8.66
N ALA A 137 0.68 -7.85 -9.53
CA ALA A 137 0.37 -7.73 -10.95
C ALA A 137 0.33 -9.08 -11.65
N THR A 138 -0.60 -9.23 -12.59
CA THR A 138 -0.71 -10.44 -13.38
C THR A 138 -1.11 -10.10 -14.81
N THR A 139 -1.04 -11.09 -15.70
CA THR A 139 -1.41 -10.89 -17.09
C THR A 139 -2.57 -11.79 -17.48
N LEU A 140 -3.14 -11.56 -18.65
CA LEU A 140 -4.22 -12.40 -19.16
C LEU A 140 -3.72 -13.82 -19.42
N TYR A 141 -2.44 -13.93 -19.77
CA TYR A 141 -1.83 -15.22 -20.06
C TYR A 141 -1.66 -16.06 -18.80
N GLU A 142 -1.37 -15.40 -17.68
CA GLU A 142 -1.19 -16.09 -16.42
C GLU A 142 -2.52 -16.56 -15.85
N ILE A 143 -3.57 -15.77 -16.07
CA ILE A 143 -4.89 -16.10 -15.56
C ILE A 143 -5.53 -17.25 -16.34
N THR A 144 -5.62 -17.08 -17.66
CA THR A 144 -6.31 -18.04 -18.51
C THR A 144 -5.43 -19.20 -18.95
N GLY A 145 -4.12 -18.97 -19.01
CA GLY A 145 -3.18 -19.98 -19.43
C GLY A 145 -3.05 -20.07 -20.95
N LYS A 146 -3.51 -19.02 -21.63
CA LYS A 146 -3.45 -18.96 -23.08
C LYS A 146 -3.23 -17.54 -23.56
N ASP A 147 -2.68 -17.40 -24.77
CA ASP A 147 -2.44 -16.09 -25.35
C ASP A 147 -3.72 -15.48 -25.90
N TRP A 148 -3.70 -14.17 -26.11
CA TRP A 148 -4.86 -13.46 -26.66
C TRP A 148 -4.43 -12.47 -27.74
N ASP A 149 -5.24 -12.34 -28.77
CA ASP A 149 -4.94 -11.42 -29.86
C ASP A 149 -5.03 -9.98 -29.38
N ARG A 150 -3.89 -9.32 -29.28
CA ARG A 150 -3.81 -7.96 -28.73
C ARG A 150 -4.69 -6.97 -29.49
N LYS A 151 -4.70 -7.07 -30.82
CA LYS A 151 -5.49 -6.16 -31.64
C LYS A 151 -6.98 -6.34 -31.38
N GLU A 152 -7.42 -7.60 -31.27
CA GLU A 152 -8.82 -7.89 -31.00
C GLU A 152 -9.24 -7.37 -29.63
N VAL A 153 -8.37 -7.53 -28.64
CA VAL A 153 -8.63 -7.02 -27.30
C VAL A 153 -8.68 -5.49 -27.33
N LEU A 154 -7.78 -4.89 -28.09
CA LEU A 154 -7.73 -3.44 -28.21
C LEU A 154 -9.02 -2.88 -28.78
N LEU A 155 -9.51 -3.51 -29.85
CA LEU A 155 -10.73 -3.07 -30.51
C LEU A 155 -11.95 -3.18 -29.60
N LYS A 156 -12.00 -4.26 -28.82
CA LYS A 156 -13.09 -4.45 -27.86
C LYS A 156 -13.07 -3.37 -26.79
N VAL A 157 -11.89 -3.10 -26.24
CA VAL A 157 -11.74 -2.07 -25.22
C VAL A 157 -12.13 -0.70 -25.74
N LEU A 158 -11.67 -0.39 -26.95
CA LEU A 158 -11.99 0.90 -27.57
C LEU A 158 -13.47 1.04 -27.86
N LYS A 159 -14.13 -0.08 -28.15
CA LYS A 159 -15.56 -0.05 -28.44
C LYS A 159 -16.34 0.20 -27.16
N ARG A 160 -15.92 -0.43 -26.07
CA ARG A 160 -16.57 -0.24 -24.78
C ARG A 160 -16.38 1.17 -24.24
N ILE A 161 -15.20 1.74 -24.49
CA ILE A 161 -14.90 3.09 -24.06
C ILE A 161 -15.77 4.09 -24.81
N SER A 162 -15.79 3.98 -26.13
CA SER A 162 -16.56 4.90 -26.97
C SER A 162 -18.04 4.86 -26.62
N GLU A 163 -18.55 3.67 -26.33
CA GLU A 163 -19.96 3.50 -25.98
C GLU A 163 -20.27 4.07 -24.61
N ASN A 164 -19.40 3.81 -23.64
CA ASN A 164 -19.59 4.30 -22.29
C ASN A 164 -19.49 5.82 -22.19
N LEU A 165 -18.57 6.40 -22.96
CA LEU A 165 -18.36 7.84 -22.94
C LEU A 165 -19.52 8.58 -23.61
N LYS A 166 -20.03 8.01 -24.69
CA LYS A 166 -21.17 8.59 -25.39
C LYS A 166 -22.39 8.63 -24.49
N LYS A 167 -22.54 7.57 -23.68
CA LYS A 167 -23.65 7.49 -22.74
C LYS A 167 -23.38 8.34 -21.51
N PHE A 168 -22.13 8.73 -21.33
CA PHE A 168 -21.73 9.56 -20.21
C PHE A 168 -21.93 11.03 -20.54
N LYS A 169 -21.97 11.34 -21.83
CA LYS A 169 -22.14 12.71 -22.30
C LYS A 169 -23.59 13.18 -22.14
N GLU A 170 -24.47 12.59 -22.95
CA GLU A 170 -25.87 13.00 -22.97
C GLU A 170 -26.62 12.60 -21.70
N LYS A 171 -26.05 11.70 -20.92
CA LYS A 171 -26.64 11.29 -19.66
C LYS A 171 -25.75 11.70 -18.49
N SER A 172 -25.65 10.83 -17.49
CA SER A 172 -24.86 11.14 -16.30
C SER A 172 -24.09 9.93 -15.78
N PHE A 173 -23.42 10.11 -14.65
CA PHE A 173 -22.65 9.04 -14.02
C PHE A 173 -23.57 8.04 -13.34
N LYS A 174 -24.85 8.42 -13.20
CA LYS A 174 -25.84 7.56 -12.57
C LYS A 174 -25.97 6.24 -13.34
N GLU A 175 -25.66 6.30 -14.64
CA GLU A 175 -25.77 5.14 -15.51
C GLU A 175 -24.71 4.08 -15.20
N PHE A 176 -23.67 4.48 -14.47
CA PHE A 176 -22.56 3.58 -14.20
C PHE A 176 -22.36 3.32 -12.70
N LYS A 177 -22.75 4.30 -11.88
CA LYS A 177 -22.53 4.23 -10.43
C LYS A 177 -22.81 2.84 -9.85
N GLY A 178 -23.99 2.30 -10.14
CA GLY A 178 -24.39 1.00 -9.63
C GLY A 178 -23.47 -0.13 -10.06
N LYS A 179 -23.15 -0.17 -11.35
CA LYS A 179 -22.30 -1.22 -11.89
C LYS A 179 -20.91 -1.20 -11.25
N ILE A 180 -20.35 -0.01 -11.12
CA ILE A 180 -19.00 0.15 -10.58
C ILE A 180 -18.93 -0.22 -9.10
N GLU A 181 -19.93 0.22 -8.34
CA GLU A 181 -19.96 -0.05 -6.90
C GLU A 181 -19.89 -1.54 -6.60
N SER A 182 -20.62 -2.33 -7.37
CA SER A 182 -20.68 -3.77 -7.14
C SER A 182 -19.39 -4.49 -7.54
N LYS A 183 -18.55 -3.83 -8.33
CA LYS A 183 -17.30 -4.42 -8.77
C LYS A 183 -16.09 -3.87 -8.02
N MET A 184 -16.35 -2.96 -7.09
CA MET A 184 -15.27 -2.33 -6.33
C MET A 184 -14.48 -3.34 -5.51
N LEU A 185 -13.16 -3.28 -5.66
CA LEU A 185 -12.26 -4.15 -4.90
C LEU A 185 -12.28 -3.76 -3.42
N TYR A 186 -12.17 -4.75 -2.55
CA TYR A 186 -12.15 -4.54 -1.11
C TYR A 186 -13.43 -3.90 -0.58
N LEU A 187 -14.55 -4.17 -1.25
CA LEU A 187 -15.84 -3.67 -0.80
C LEU A 187 -16.22 -4.33 0.52
N GLY A 188 -16.58 -3.51 1.50
CA GLY A 188 -16.98 -4.01 2.81
C GLY A 188 -15.82 -4.46 3.67
N GLU A 189 -14.62 -4.17 3.21
CA GLU A 189 -13.41 -4.55 3.93
C GLU A 189 -12.69 -3.32 4.47
N GLU A 190 -11.87 -3.52 5.51
CA GLU A 190 -11.09 -2.45 6.09
C GLU A 190 -10.04 -1.96 5.10
N VAL A 191 -10.00 -0.66 4.86
CA VAL A 191 -9.07 -0.09 3.91
C VAL A 191 -8.40 1.17 4.44
N LYS A 192 -7.35 1.61 3.76
CA LYS A 192 -6.65 2.84 4.13
C LYS A 192 -6.38 3.70 2.89
N LEU A 193 -6.60 5.01 3.04
CA LEU A 193 -6.35 5.95 1.95
C LEU A 193 -5.22 6.90 2.30
N LEU A 194 -4.19 6.95 1.47
CA LEU A 194 -3.05 7.82 1.71
C LEU A 194 -2.76 8.71 0.52
N GLY A 195 -2.12 9.85 0.79
CA GLY A 195 -1.82 10.82 -0.24
C GLY A 195 -2.60 12.11 -0.03
N GLU A 196 -1.89 13.15 0.39
CA GLU A 196 -2.53 14.41 0.72
C GLU A 196 -3.58 14.20 1.80
N GLY A 197 -3.15 13.58 2.90
CA GLY A 197 -4.05 13.27 4.00
C GLY A 197 -4.08 11.78 4.27
N LYS A 198 -4.85 11.37 5.27
CA LYS A 198 -4.96 9.96 5.63
C LYS A 198 -6.29 9.62 6.29
N ILE A 199 -7.13 8.88 5.57
CA ILE A 199 -8.41 8.45 6.09
C ILE A 199 -8.47 6.93 6.14
N THR A 200 -8.89 6.40 7.27
CA THR A 200 -8.97 4.94 7.44
C THR A 200 -10.35 4.50 7.93
N GLY A 201 -10.81 3.37 7.42
CA GLY A 201 -12.10 2.82 7.81
C GLY A 201 -12.53 1.70 6.88
N LYS A 202 -13.83 1.47 6.80
CA LYS A 202 -14.36 0.42 5.94
C LYS A 202 -14.99 1.00 4.68
N LEU A 203 -14.60 0.43 3.53
CA LEU A 203 -15.15 0.85 2.25
C LEU A 203 -16.59 0.37 2.13
N VAL A 204 -17.54 1.25 2.45
CA VAL A 204 -18.95 0.88 2.50
C VAL A 204 -19.67 1.03 1.17
N GLY A 205 -19.09 1.81 0.26
CA GLY A 205 -19.70 2.00 -1.06
C GLY A 205 -19.17 3.19 -1.83
N LEU A 206 -20.00 3.65 -2.77
CA LEU A 206 -19.62 4.74 -3.66
C LEU A 206 -20.75 5.77 -3.75
N SER A 207 -20.38 7.05 -3.76
CA SER A 207 -21.38 8.11 -3.84
C SER A 207 -21.75 8.41 -5.29
N GLU A 208 -22.75 9.27 -5.47
CA GLU A 208 -23.22 9.61 -6.81
C GLU A 208 -22.16 10.40 -7.58
N LYS A 209 -21.30 11.11 -6.87
CA LYS A 209 -20.25 11.90 -7.49
C LYS A 209 -19.06 11.04 -7.87
N GLY A 210 -19.11 9.76 -7.50
CA GLY A 210 -18.02 8.85 -7.78
C GLY A 210 -16.99 8.85 -6.66
N GLY A 211 -17.38 9.36 -5.50
CA GLY A 211 -16.49 9.43 -4.36
C GLY A 211 -16.57 8.17 -3.52
N ALA A 212 -15.46 7.84 -2.87
CA ALA A 212 -15.41 6.67 -1.99
C ALA A 212 -16.05 6.99 -0.64
N LEU A 213 -16.89 6.09 -0.17
CA LEU A 213 -17.53 6.23 1.13
C LEU A 213 -16.82 5.39 2.18
N ILE A 214 -16.11 6.06 3.09
CA ILE A 214 -15.34 5.37 4.10
C ILE A 214 -15.94 5.57 5.50
N LEU A 215 -16.34 4.47 6.13
CA LEU A 215 -16.88 4.53 7.48
C LEU A 215 -15.75 4.58 8.51
N THR A 216 -15.53 5.75 9.09
CA THR A 216 -14.51 5.93 10.12
C THR A 216 -15.14 5.89 11.51
N GLU A 217 -14.32 6.07 12.54
CA GLU A 217 -14.83 6.08 13.91
C GLU A 217 -15.76 7.27 14.15
N GLU A 218 -15.67 8.28 13.29
CA GLU A 218 -16.50 9.47 13.43
C GLU A 218 -17.47 9.62 12.26
N GLY A 219 -17.91 8.50 11.70
CA GLY A 219 -18.92 8.52 10.67
C GLY A 219 -18.40 8.23 9.27
N ILE A 220 -19.32 8.22 8.31
CA ILE A 220 -18.97 7.98 6.92
C ILE A 220 -18.45 9.26 6.27
N LYS A 221 -17.26 9.17 5.68
CA LYS A 221 -16.68 10.31 4.98
C LYS A 221 -16.71 10.09 3.47
N GLU A 222 -16.98 11.16 2.74
CA GLU A 222 -16.99 11.10 1.28
C GLU A 222 -15.70 11.67 0.71
N ILE A 223 -14.88 10.80 0.14
CA ILE A 223 -13.60 11.19 -0.42
C ILE A 223 -13.74 11.60 -1.88
N LEU A 224 -13.47 12.87 -2.16
CA LEU A 224 -13.67 13.40 -3.51
C LEU A 224 -12.35 13.73 -4.22
N SER A 225 -11.23 13.40 -3.58
CA SER A 225 -9.92 13.66 -4.18
C SER A 225 -9.40 12.43 -4.91
N GLY A 226 -8.82 12.64 -6.08
CA GLY A 226 -8.31 11.55 -6.90
C GLY A 226 -6.84 11.27 -6.69
N GLU A 227 -6.25 11.92 -5.68
CA GLU A 227 -4.83 11.73 -5.38
C GLU A 227 -4.62 10.63 -4.34
N PHE A 228 -5.69 10.20 -3.69
CA PHE A 228 -5.63 9.16 -2.68
C PHE A 228 -5.40 7.78 -3.29
N SER A 229 -4.48 7.03 -2.68
CA SER A 229 -4.26 5.64 -3.07
C SER A 229 -4.97 4.71 -2.09
N LEU A 230 -5.72 3.75 -2.63
CA LEU A 230 -6.48 2.83 -1.80
C LEU A 230 -5.71 1.54 -1.57
N ARG A 231 -5.49 1.21 -0.30
CA ARG A 231 -4.77 0.00 0.07
C ARG A 231 -5.60 -0.87 1.02
N ARG A 232 -5.32 -2.17 1.03
CA ARG A 232 -6.03 -3.10 1.88
C ARG A 232 -5.56 -3.00 3.32
N SER A 233 -6.50 -2.94 4.26
CA SER A 233 -6.16 -2.82 5.67
C SER A 233 -7.03 -3.73 6.53
N PHE B 2 13.29 -3.81 32.23
CA PHE B 2 11.99 -4.46 32.17
C PHE B 2 12.05 -5.89 32.68
N LYS B 3 11.43 -6.13 33.83
CA LYS B 3 11.39 -7.46 34.41
C LYS B 3 10.02 -7.76 34.99
N ASN B 4 9.29 -6.71 35.37
CA ASN B 4 7.96 -6.86 35.91
C ASN B 4 6.92 -7.04 34.81
N LEU B 5 5.98 -7.96 35.02
CA LEU B 5 4.97 -8.26 34.01
C LEU B 5 3.57 -8.34 34.61
N ILE B 6 2.58 -7.94 33.81
CA ILE B 6 1.18 -8.08 34.17
C ILE B 6 0.47 -8.78 33.02
N TRP B 7 0.19 -10.07 33.21
CA TRP B 7 -0.33 -10.90 32.14
C TRP B 7 -1.83 -11.16 32.28
N LEU B 8 -2.61 -10.57 31.38
CA LEU B 8 -4.06 -10.79 31.35
C LEU B 8 -4.42 -11.80 30.26
N LYS B 9 -5.56 -12.47 30.44
CA LYS B 9 -6.00 -13.48 29.48
C LYS B 9 -6.70 -12.85 28.28
N GLU B 10 -7.54 -11.86 28.54
CA GLU B 10 -8.28 -11.18 27.49
C GLU B 10 -8.62 -9.76 27.89
N VAL B 11 -8.47 -8.83 26.96
CA VAL B 11 -8.73 -7.42 27.22
C VAL B 11 -9.05 -6.69 25.92
N ASP B 12 -9.54 -5.47 26.04
CA ASP B 12 -9.86 -4.66 24.86
C ASP B 12 -8.61 -4.23 24.10
N SER B 13 -7.65 -3.67 24.83
CA SER B 13 -6.39 -3.23 24.24
C SER B 13 -5.41 -2.86 25.35
N THR B 14 -4.20 -3.41 25.27
CA THR B 14 -3.16 -3.11 26.24
C THR B 14 -2.85 -1.61 26.24
N GLN B 15 -2.95 -1.00 25.06
CA GLN B 15 -2.76 0.44 24.94
C GLN B 15 -3.82 1.19 25.73
N GLU B 16 -5.08 0.79 25.54
CA GLU B 16 -6.20 1.47 26.18
C GLU B 16 -6.14 1.36 27.71
N ARG B 17 -5.80 0.17 28.19
CA ARG B 17 -5.74 -0.09 29.62
C ARG B 17 -4.66 0.75 30.30
N LEU B 18 -3.57 1.01 29.58
CA LEU B 18 -2.48 1.81 30.12
C LEU B 18 -2.75 3.30 29.99
N LYS B 19 -3.83 3.64 29.32
CA LYS B 19 -4.27 5.03 29.23
C LYS B 19 -5.04 5.40 30.48
N GLU B 20 -5.78 4.44 31.03
CA GLU B 20 -6.60 4.68 32.21
C GLU B 20 -5.86 4.35 33.49
N TRP B 21 -5.10 3.25 33.48
CA TRP B 21 -4.38 2.83 34.67
C TRP B 21 -3.05 3.57 34.82
N ASN B 22 -2.69 3.85 36.07
CA ASN B 22 -1.43 4.50 36.36
C ASN B 22 -0.36 3.49 36.77
N VAL B 23 0.56 3.21 35.85
CA VAL B 23 1.61 2.23 36.09
C VAL B 23 2.99 2.90 36.05
N SER B 24 3.96 2.29 36.72
CA SER B 24 5.31 2.85 36.77
C SER B 24 6.14 2.43 35.56
N TYR B 25 7.20 3.18 35.29
CA TYR B 25 8.10 2.88 34.19
C TYR B 25 8.84 1.57 34.43
N GLY B 26 8.86 0.71 33.42
CA GLY B 26 9.55 -0.56 33.52
C GLY B 26 8.60 -1.71 33.80
N THR B 27 7.36 -1.56 33.37
CA THR B 27 6.35 -2.60 33.56
C THR B 27 5.58 -2.85 32.27
N ALA B 28 5.49 -4.11 31.86
CA ALA B 28 4.81 -4.47 30.63
C ALA B 28 3.45 -5.09 30.89
N LEU B 29 2.43 -4.57 30.22
CA LEU B 29 1.08 -5.13 30.28
C LEU B 29 0.89 -6.08 29.10
N VAL B 30 0.69 -7.36 29.40
CA VAL B 30 0.55 -8.37 28.35
C VAL B 30 -0.84 -8.97 28.35
N ALA B 31 -1.35 -9.25 27.15
CA ALA B 31 -2.66 -9.87 26.99
C ALA B 31 -2.63 -10.97 25.94
N ASP B 32 -3.22 -12.11 26.26
CA ASP B 32 -3.25 -13.24 25.35
C ASP B 32 -4.11 -12.94 24.13
N ARG B 33 -5.13 -12.10 24.32
CA ARG B 33 -6.10 -11.82 23.28
C ARG B 33 -6.67 -10.42 23.43
N GLN B 34 -6.81 -9.72 22.31
CA GLN B 34 -7.36 -8.36 22.32
C GLN B 34 -8.66 -8.28 21.54
N THR B 35 -9.68 -7.68 22.14
CA THR B 35 -10.99 -7.55 21.52
C THR B 35 -11.01 -6.37 20.55
N LYS B 36 -10.35 -5.28 20.94
CA LYS B 36 -10.31 -4.07 20.12
C LYS B 36 -8.88 -3.63 19.86
N GLY B 37 -8.07 -4.53 19.32
CA GLY B 37 -6.69 -4.24 19.00
C GLY B 37 -6.58 -3.20 17.90
N ARG B 38 -5.87 -2.12 18.18
CA ARG B 38 -5.75 -1.02 17.22
C ARG B 38 -4.35 -0.90 16.65
N GLY B 39 -4.26 -0.36 15.43
CA GLY B 39 -2.98 -0.13 14.78
C GLY B 39 -2.50 1.28 15.04
N ARG B 40 -2.09 1.98 13.99
CA ARG B 40 -1.59 3.34 14.11
C ARG B 40 -2.67 4.37 13.82
N LEU B 41 -3.51 4.09 12.84
CA LEU B 41 -4.57 5.02 12.46
C LEU B 41 -5.96 4.47 12.77
N GLY B 42 -6.01 3.47 13.65
CA GLY B 42 -7.28 2.92 14.09
C GLY B 42 -7.77 1.75 13.25
N ARG B 43 -6.84 0.96 12.73
CA ARG B 43 -7.20 -0.23 11.96
C ARG B 43 -7.32 -1.44 12.87
N LYS B 44 -8.18 -2.37 12.49
CA LYS B 44 -8.42 -3.58 13.28
C LYS B 44 -7.19 -4.50 13.27
N TRP B 45 -6.35 -4.36 14.29
CA TRP B 45 -5.20 -5.22 14.44
C TRP B 45 -5.61 -6.57 15.03
N LEU B 46 -5.76 -7.57 14.14
CA LEU B 46 -6.21 -8.89 14.55
C LEU B 46 -5.31 -9.50 15.62
N SER B 47 -5.92 -9.85 16.76
CA SER B 47 -5.17 -10.39 17.89
C SER B 47 -5.81 -11.66 18.43
N GLN B 48 -5.49 -12.79 17.81
CA GLN B 48 -6.00 -14.08 18.27
C GLN B 48 -4.97 -14.78 19.15
N GLU B 49 -5.38 -15.89 19.76
CA GLU B 49 -4.48 -16.65 20.62
C GLU B 49 -3.26 -17.11 19.84
N GLY B 50 -2.10 -17.09 20.50
CA GLY B 50 -0.86 -17.47 19.87
C GLY B 50 0.05 -16.29 19.64
N GLY B 51 -0.55 -15.10 19.54
CA GLY B 51 0.22 -13.89 19.33
C GLY B 51 0.72 -13.29 20.63
N LEU B 52 1.60 -12.31 20.52
CA LEU B 52 2.14 -11.62 21.69
C LEU B 52 1.79 -10.14 21.60
N TYR B 53 0.92 -9.69 22.49
CA TYR B 53 0.45 -8.30 22.47
C TYR B 53 0.71 -7.63 23.81
N PHE B 54 1.66 -6.71 23.84
CA PHE B 54 2.02 -6.04 25.07
C PHE B 54 2.26 -4.54 24.90
N SER B 55 2.21 -3.83 26.02
CA SER B 55 2.43 -2.39 26.03
C SER B 55 3.23 -2.01 27.28
N PHE B 56 3.83 -0.82 27.25
CA PHE B 56 4.55 -0.30 28.41
C PHE B 56 4.72 1.20 28.31
N LEU B 57 5.05 1.83 29.43
CA LEU B 57 5.21 3.28 29.48
C LEU B 57 6.66 3.72 29.39
N LEU B 58 6.86 4.93 28.87
CA LEU B 58 8.17 5.54 28.81
C LEU B 58 8.07 7.01 29.23
N ASN B 59 9.20 7.60 29.61
CA ASN B 59 9.23 9.00 30.00
C ASN B 59 9.26 9.91 28.77
N PRO B 60 8.21 10.70 28.58
CA PRO B 60 8.07 11.62 27.44
C PRO B 60 9.24 12.59 27.33
N LYS B 61 9.75 13.04 28.47
CA LYS B 61 10.84 14.01 28.49
C LYS B 61 12.17 13.38 28.07
N GLU B 62 12.34 12.10 28.38
CA GLU B 62 13.58 11.40 28.07
C GLU B 62 13.64 10.95 26.62
N PHE B 63 12.51 10.50 26.09
CA PHE B 63 12.41 10.07 24.70
C PHE B 63 11.63 11.11 23.89
N GLU B 64 12.34 11.84 23.03
CA GLU B 64 11.76 12.99 22.34
C GLU B 64 11.31 12.67 20.92
N ASN B 65 12.22 12.14 20.12
CA ASN B 65 11.95 11.89 18.71
C ASN B 65 10.93 10.77 18.49
N LEU B 66 9.85 11.10 17.79
CA LEU B 66 8.79 10.13 17.50
C LEU B 66 9.10 9.31 16.25
N LEU B 67 10.26 9.57 15.65
CA LEU B 67 10.68 8.85 14.46
C LEU B 67 11.80 7.87 14.80
N GLN B 68 12.76 8.32 15.59
CA GLN B 68 13.90 7.51 15.97
C GLN B 68 13.52 6.41 16.96
N LEU B 69 12.62 6.75 17.88
CA LEU B 69 12.19 5.82 18.92
C LEU B 69 11.65 4.51 18.33
N PRO B 70 10.62 4.60 17.46
CA PRO B 70 10.06 3.39 16.85
C PRO B 70 11.13 2.59 16.10
N LEU B 71 12.08 3.27 15.49
CA LEU B 71 13.16 2.61 14.77
C LEU B 71 14.01 1.76 15.70
N VAL B 72 14.36 2.31 16.86
CA VAL B 72 15.15 1.60 17.85
C VAL B 72 14.36 0.45 18.45
N LEU B 73 13.08 0.69 18.69
CA LEU B 73 12.20 -0.35 19.21
C LEU B 73 12.09 -1.50 18.23
N GLY B 74 11.99 -1.18 16.94
CA GLY B 74 11.91 -2.19 15.91
C GLY B 74 13.19 -3.00 15.83
N LEU B 75 14.31 -2.31 15.94
CA LEU B 75 15.63 -2.95 15.95
C LEU B 75 15.69 -3.94 17.09
N SER B 76 15.24 -3.51 18.26
CA SER B 76 15.29 -4.31 19.47
C SER B 76 14.52 -5.63 19.31
N VAL B 77 13.28 -5.55 18.83
CA VAL B 77 12.46 -6.73 18.65
C VAL B 77 13.03 -7.67 17.58
N SER B 78 13.58 -7.10 16.52
CA SER B 78 14.20 -7.90 15.46
C SER B 78 15.43 -8.62 16.00
N GLU B 79 16.23 -7.90 16.79
CA GLU B 79 17.43 -8.47 17.40
C GLU B 79 17.08 -9.66 18.29
N ALA B 80 16.01 -9.52 19.08
CA ALA B 80 15.60 -10.58 19.99
C ALA B 80 15.14 -11.82 19.22
N LEU B 81 14.31 -11.60 18.20
CA LEU B 81 13.79 -12.69 17.39
C LEU B 81 14.91 -13.44 16.66
N GLU B 82 15.92 -12.71 16.21
CA GLU B 82 17.04 -13.31 15.50
C GLU B 82 17.91 -14.13 16.45
N GLU B 83 18.02 -13.67 17.69
CA GLU B 83 18.80 -14.37 18.70
C GLU B 83 18.16 -15.70 19.07
N ILE B 84 16.84 -15.78 18.94
CA ILE B 84 16.09 -16.97 19.32
C ILE B 84 15.95 -17.95 18.16
N THR B 85 15.59 -17.43 17.00
CA THR B 85 15.30 -18.27 15.84
C THR B 85 16.51 -18.44 14.93
N GLU B 86 17.47 -17.53 15.04
CA GLU B 86 18.64 -17.52 14.16
C GLU B 86 18.21 -17.29 12.71
N ILE B 87 16.98 -16.80 12.54
CA ILE B 87 16.47 -16.44 11.22
C ILE B 87 16.56 -14.92 11.04
N PRO B 88 17.17 -14.48 9.93
CA PRO B 88 17.32 -13.05 9.64
C PRO B 88 15.98 -12.35 9.47
N PHE B 89 15.87 -11.14 10.01
CA PHE B 89 14.67 -10.32 9.84
C PHE B 89 15.02 -8.95 9.29
N SER B 90 14.04 -8.32 8.66
CA SER B 90 14.25 -7.00 8.05
C SER B 90 13.43 -5.93 8.75
N LEU B 91 13.81 -4.67 8.53
CA LEU B 91 13.12 -3.54 9.14
C LEU B 91 12.44 -2.67 8.10
N LYS B 92 11.12 -2.54 8.22
CA LYS B 92 10.35 -1.68 7.35
C LYS B 92 10.21 -0.29 7.96
N TRP B 93 10.74 0.72 7.28
CA TRP B 93 10.64 2.09 7.73
C TRP B 93 9.18 2.52 7.84
N PRO B 94 8.83 3.21 8.95
CA PRO B 94 9.75 3.59 10.02
C PRO B 94 9.57 2.79 11.31
N ASN B 95 8.73 1.76 11.28
CA ASN B 95 8.40 1.07 12.53
C ASN B 95 7.80 -0.33 12.38
N ASP B 96 8.34 -1.13 11.46
CA ASP B 96 7.83 -2.49 11.25
C ASP B 96 8.95 -3.52 11.15
N VAL B 97 8.67 -4.72 11.64
CA VAL B 97 9.59 -5.84 11.48
C VAL B 97 9.02 -6.86 10.51
N TYR B 98 9.74 -7.08 9.41
CA TYR B 98 9.26 -7.96 8.34
C TYR B 98 10.15 -9.19 8.18
N PHE B 99 9.56 -10.26 7.68
CA PHE B 99 10.32 -11.38 7.15
C PHE B 99 10.01 -11.48 5.67
N GLN B 100 10.95 -11.05 4.84
CA GLN B 100 10.73 -10.98 3.40
C GLN B 100 9.63 -9.98 3.09
N GLU B 101 8.51 -10.46 2.57
CA GLU B 101 7.44 -9.56 2.14
C GLU B 101 6.30 -9.47 3.16
N LYS B 102 6.41 -10.20 4.26
CA LYS B 102 5.32 -10.26 5.24
C LYS B 102 5.73 -9.75 6.62
N LYS B 103 4.83 -9.00 7.24
CA LYS B 103 5.12 -8.39 8.54
C LYS B 103 4.92 -9.38 9.69
N VAL B 104 5.88 -9.39 10.61
CA VAL B 104 5.83 -10.28 11.76
C VAL B 104 5.54 -9.49 13.04
N SER B 105 5.98 -8.23 13.07
CA SER B 105 5.81 -7.40 14.26
C SER B 105 5.51 -5.94 13.91
N GLY B 106 4.57 -5.35 14.63
CA GLY B 106 4.22 -3.96 14.46
C GLY B 106 4.51 -3.14 15.70
N VAL B 107 5.13 -1.99 15.52
CA VAL B 107 5.50 -1.12 16.63
C VAL B 107 4.62 0.13 16.66
N LEU B 108 4.07 0.42 17.84
CA LEU B 108 3.15 1.54 17.99
C LEU B 108 3.54 2.43 19.17
N ARG B 109 3.45 3.75 18.97
CA ARG B 109 3.71 4.69 20.04
C ARG B 109 2.64 5.78 20.08
N GLU B 110 2.00 5.93 21.23
CA GLU B 110 0.92 6.90 21.39
C GLU B 110 1.22 7.89 22.51
N LEU B 111 0.48 8.99 22.52
CA LEU B 111 0.61 10.00 23.57
C LEU B 111 -0.75 10.33 24.17
N SER B 112 -0.88 10.17 25.48
CA SER B 112 -2.13 10.46 26.17
C SER B 112 -1.90 11.41 27.33
N LYS B 113 -2.29 12.67 27.15
CA LYS B 113 -2.09 13.70 28.16
C LYS B 113 -0.62 13.86 28.53
N ASP B 114 -0.17 13.06 29.49
CA ASP B 114 1.23 13.11 29.91
C ASP B 114 1.84 11.71 29.95
N LYS B 115 1.50 10.90 28.96
CA LYS B 115 2.01 9.54 28.88
C LYS B 115 2.58 9.21 27.50
N LEU B 116 3.71 8.52 27.50
CA LEU B 116 4.27 7.96 26.28
C LEU B 116 4.02 6.46 26.30
N ILE B 117 3.01 6.02 25.54
CA ILE B 117 2.57 4.63 25.58
C ILE B 117 3.03 3.84 24.36
N VAL B 118 3.83 2.81 24.60
CA VAL B 118 4.36 1.97 23.53
C VAL B 118 3.62 0.64 23.46
N GLY B 119 3.22 0.24 22.26
CA GLY B 119 2.55 -1.02 22.04
C GLY B 119 3.23 -1.84 20.97
N ILE B 120 3.46 -3.12 21.27
CA ILE B 120 4.15 -4.00 20.33
C ILE B 120 3.40 -5.31 20.15
N GLY B 121 3.14 -5.67 18.90
CA GLY B 121 2.50 -6.92 18.57
C GLY B 121 3.42 -7.82 17.77
N ILE B 122 3.59 -9.05 18.24
CA ILE B 122 4.45 -10.01 17.54
C ILE B 122 3.70 -11.31 17.24
N ASN B 123 3.59 -11.63 15.95
CA ASN B 123 2.96 -12.87 15.53
C ASN B 123 3.85 -14.07 15.83
N VAL B 124 3.44 -14.89 16.79
CA VAL B 124 4.25 -16.01 17.24
C VAL B 124 3.67 -17.38 16.87
N ASN B 125 2.58 -17.76 17.51
CA ASN B 125 2.04 -19.11 17.38
C ASN B 125 0.67 -19.21 16.72
N GLN B 126 0.22 -18.14 16.08
CA GLN B 126 -1.06 -18.19 15.36
C GLN B 126 -1.02 -19.25 14.28
N ARG B 127 -1.76 -20.33 14.48
CA ARG B 127 -1.80 -21.43 13.51
C ARG B 127 -2.64 -21.06 12.29
N GLU B 128 -3.75 -20.37 12.53
CA GLU B 128 -4.64 -19.97 11.45
C GLU B 128 -4.51 -18.48 11.15
N ILE B 129 -4.00 -18.14 9.96
CA ILE B 129 -3.81 -16.76 9.57
C ILE B 129 -4.93 -16.31 8.62
N PRO B 130 -5.60 -15.20 8.98
CA PRO B 130 -6.71 -14.65 8.17
C PRO B 130 -6.26 -14.33 6.75
N GLU B 131 -7.13 -14.58 5.78
CA GLU B 131 -6.81 -14.35 4.37
C GLU B 131 -6.72 -12.87 4.01
N GLU B 132 -7.27 -12.01 4.84
CA GLU B 132 -7.23 -10.56 4.55
C GLU B 132 -5.85 -9.98 4.80
N ILE B 133 -5.03 -10.69 5.56
CA ILE B 133 -3.67 -10.24 5.86
C ILE B 133 -2.66 -11.31 5.51
N LYS B 134 -3.16 -12.45 5.01
CA LYS B 134 -2.31 -13.60 4.71
C LYS B 134 -1.16 -13.26 3.76
N ASP B 135 -1.41 -12.33 2.84
CA ASP B 135 -0.42 -11.99 1.82
C ASP B 135 0.56 -10.93 2.29
N ARG B 136 0.34 -10.38 3.48
CA ARG B 136 1.20 -9.32 4.00
C ARG B 136 1.54 -9.54 5.47
N ALA B 137 1.34 -10.76 5.96
CA ALA B 137 1.58 -11.06 7.36
C ALA B 137 1.93 -12.53 7.55
N THR B 138 2.89 -12.79 8.43
CA THR B 138 3.32 -14.15 8.73
C THR B 138 3.59 -14.31 10.21
N THR B 139 3.87 -15.53 10.64
CA THR B 139 4.15 -15.81 12.04
C THR B 139 5.47 -16.56 12.18
N LEU B 140 5.99 -16.61 13.40
CA LEU B 140 7.20 -17.36 13.69
C LEU B 140 6.98 -18.84 13.41
N TYR B 141 5.75 -19.31 13.58
CA TYR B 141 5.42 -20.70 13.34
C TYR B 141 5.50 -21.04 11.85
N GLU B 142 5.07 -20.10 11.01
CA GLU B 142 5.06 -20.32 9.58
C GLU B 142 6.46 -20.25 9.01
N ILE B 143 7.34 -19.54 9.71
CA ILE B 143 8.70 -19.35 9.25
C ILE B 143 9.63 -20.48 9.68
N THR B 144 9.54 -20.83 10.97
CA THR B 144 10.43 -21.84 11.53
C THR B 144 9.85 -23.25 11.46
N GLY B 145 8.53 -23.35 11.55
CA GLY B 145 7.87 -24.65 11.51
C GLY B 145 7.66 -25.23 12.90
N LYS B 146 7.81 -24.39 13.91
CA LYS B 146 7.66 -24.83 15.29
C LYS B 146 7.05 -23.73 16.15
N ASP B 147 6.44 -24.13 17.26
CA ASP B 147 5.89 -23.19 18.22
C ASP B 147 6.98 -22.66 19.14
N TRP B 148 6.81 -21.44 19.63
CA TRP B 148 7.78 -20.83 20.53
C TRP B 148 7.13 -20.42 21.84
N ASP B 149 7.91 -20.46 22.92
CA ASP B 149 7.42 -20.03 24.23
C ASP B 149 7.22 -18.52 24.22
N ARG B 150 5.96 -18.10 24.30
CA ARG B 150 5.62 -16.68 24.22
C ARG B 150 6.24 -15.86 25.36
N LYS B 151 6.39 -16.49 26.53
CA LYS B 151 6.99 -15.81 27.67
C LYS B 151 8.49 -15.60 27.47
N GLU B 152 9.17 -16.66 27.03
CA GLU B 152 10.60 -16.58 26.76
C GLU B 152 10.90 -15.53 25.69
N VAL B 153 10.07 -15.51 24.65
CA VAL B 153 10.23 -14.53 23.58
C VAL B 153 10.06 -13.12 24.12
N LEU B 154 9.03 -12.93 24.94
CA LEU B 154 8.74 -11.64 25.54
C LEU B 154 9.94 -11.12 26.33
N LEU B 155 10.44 -11.94 27.25
CA LEU B 155 11.56 -11.56 28.09
C LEU B 155 12.78 -11.14 27.25
N LYS B 156 13.04 -11.88 26.19
CA LYS B 156 14.16 -11.56 25.30
C LYS B 156 13.96 -10.20 24.64
N VAL B 157 12.74 -9.95 24.17
CA VAL B 157 12.41 -8.68 23.53
C VAL B 157 12.58 -7.51 24.50
N LEU B 158 12.03 -7.65 25.69
CA LEU B 158 12.11 -6.60 26.70
C LEU B 158 13.56 -6.31 27.10
N LYS B 159 14.38 -7.35 27.15
CA LYS B 159 15.78 -7.17 27.54
C LYS B 159 16.52 -6.35 26.50
N ARG B 160 16.25 -6.64 25.22
CA ARG B 160 16.86 -5.88 24.13
C ARG B 160 16.37 -4.44 24.11
N ILE B 161 15.09 -4.26 24.44
CA ILE B 161 14.50 -2.94 24.48
C ILE B 161 15.12 -2.09 25.58
N SER B 162 15.27 -2.69 26.76
CA SER B 162 15.83 -1.98 27.91
C SER B 162 17.30 -1.63 27.69
N GLU B 163 18.02 -2.50 27.01
CA GLU B 163 19.44 -2.29 26.75
C GLU B 163 19.69 -1.25 25.66
N ASN B 164 18.85 -1.27 24.62
CA ASN B 164 18.98 -0.33 23.52
C ASN B 164 18.53 1.07 23.90
N LEU B 165 17.44 1.16 24.65
CA LEU B 165 16.93 2.45 25.10
C LEU B 165 17.89 3.13 26.06
N LYS B 166 18.56 2.33 26.89
CA LYS B 166 19.54 2.87 27.83
C LYS B 166 20.72 3.50 27.09
N LYS B 167 21.13 2.84 26.01
CA LYS B 167 22.22 3.36 25.17
C LYS B 167 21.74 4.57 24.39
N PHE B 168 20.45 4.58 24.06
CA PHE B 168 19.86 5.67 23.30
C PHE B 168 19.74 6.92 24.14
N LYS B 169 19.61 6.73 25.46
CA LYS B 169 19.50 7.85 26.40
C LYS B 169 20.87 8.45 26.69
N GLU B 170 21.83 7.58 27.00
CA GLU B 170 23.17 8.03 27.35
C GLU B 170 23.95 8.55 26.15
N LYS B 171 23.88 7.82 25.04
CA LYS B 171 24.59 8.21 23.83
C LYS B 171 23.67 8.92 22.85
N SER B 172 23.66 8.44 21.61
CA SER B 172 22.85 9.08 20.57
C SER B 172 22.20 8.04 19.67
N PHE B 173 21.52 8.51 18.63
CA PHE B 173 20.86 7.63 17.67
C PHE B 173 21.85 7.10 16.64
N LYS B 174 22.99 7.78 16.50
CA LYS B 174 24.00 7.38 15.54
C LYS B 174 24.64 6.04 15.91
N GLU B 175 24.32 5.56 17.11
CA GLU B 175 24.80 4.26 17.56
C GLU B 175 23.96 3.13 16.95
N PHE B 176 22.78 3.48 16.46
CA PHE B 176 21.87 2.51 15.87
C PHE B 176 21.66 2.77 14.38
N LYS B 177 22.10 3.94 13.92
CA LYS B 177 21.88 4.36 12.54
C LYS B 177 22.38 3.33 11.55
N GLY B 178 23.61 2.86 11.74
CA GLY B 178 24.21 1.88 10.85
C GLY B 178 23.49 0.56 10.84
N LYS B 179 23.12 0.07 12.02
CA LYS B 179 22.46 -1.22 12.15
C LYS B 179 21.07 -1.22 11.54
N ILE B 180 20.33 -0.13 11.77
CA ILE B 180 18.98 0.00 11.24
C ILE B 180 18.97 0.12 9.72
N GLU B 181 19.83 1.00 9.21
CA GLU B 181 19.90 1.24 7.78
C GLU B 181 20.23 -0.03 7.01
N SER B 182 21.18 -0.80 7.53
CA SER B 182 21.66 -2.00 6.83
C SER B 182 20.63 -3.12 6.79
N LYS B 183 19.68 -3.09 7.72
CA LYS B 183 18.65 -4.12 7.78
C LYS B 183 17.33 -3.64 7.20
N MET B 184 17.36 -2.46 6.59
CA MET B 184 16.16 -1.84 6.05
C MET B 184 15.60 -2.61 4.86
N LEU B 185 14.28 -2.79 4.83
CA LEU B 185 13.64 -3.56 3.77
C LEU B 185 13.51 -2.72 2.49
N TYR B 186 13.64 -3.40 1.34
CA TYR B 186 13.52 -2.75 0.04
C TYR B 186 14.63 -1.74 -0.21
N LEU B 187 15.76 -1.92 0.46
CA LEU B 187 16.90 -1.03 0.30
C LEU B 187 17.59 -1.29 -1.04
N GLY B 188 17.65 -0.25 -1.87
CA GLY B 188 18.25 -0.36 -3.19
C GLY B 188 17.21 -0.66 -4.26
N GLU B 189 15.95 -0.68 -3.85
CA GLU B 189 14.85 -0.96 -4.77
C GLU B 189 13.95 0.27 -4.93
N GLU B 190 13.09 0.23 -5.94
CA GLU B 190 12.14 1.29 -6.18
C GLU B 190 11.02 1.22 -5.15
N VAL B 191 10.67 2.36 -4.57
CA VAL B 191 9.64 2.39 -3.53
C VAL B 191 8.75 3.62 -3.68
N LYS B 192 7.67 3.66 -2.88
CA LYS B 192 6.77 4.79 -2.87
C LYS B 192 6.32 5.10 -1.45
N LEU B 193 6.27 6.39 -1.11
CA LEU B 193 5.82 6.81 0.21
C LEU B 193 4.57 7.66 0.10
N LEU B 194 3.56 7.33 0.90
CA LEU B 194 2.30 8.06 0.87
C LEU B 194 1.81 8.43 2.28
N GLY B 195 0.96 9.45 2.33
CA GLY B 195 0.43 9.92 3.60
C GLY B 195 0.86 11.36 3.85
N GLU B 196 -0.07 12.29 3.65
CA GLU B 196 0.25 13.71 3.77
C GLU B 196 1.44 14.04 2.87
N GLY B 197 1.32 13.66 1.60
CA GLY B 197 2.39 13.84 0.64
C GLY B 197 2.66 12.55 -0.11
N LYS B 198 3.34 12.65 -1.25
CA LYS B 198 3.64 11.48 -2.07
C LYS B 198 4.98 11.60 -2.79
N ILE B 199 5.94 10.78 -2.39
CA ILE B 199 7.27 10.80 -2.98
C ILE B 199 7.65 9.41 -3.50
N THR B 200 8.14 9.35 -4.73
CA THR B 200 8.55 8.08 -5.33
C THR B 200 10.00 8.13 -5.78
N GLY B 201 10.65 6.96 -5.75
CA GLY B 201 12.04 6.86 -6.16
C GLY B 201 12.69 5.61 -5.60
N LYS B 202 14.02 5.59 -5.58
CA LYS B 202 14.74 4.44 -5.05
C LYS B 202 15.27 4.71 -3.64
N LEU B 203 14.99 3.78 -2.74
CA LEU B 203 15.47 3.86 -1.37
C LEU B 203 16.99 3.63 -1.34
N VAL B 204 17.73 4.65 -0.91
CA VAL B 204 19.20 4.56 -0.92
C VAL B 204 19.80 4.43 0.47
N GLY B 205 19.00 4.64 1.50
CA GLY B 205 19.48 4.48 2.86
C GLY B 205 18.73 5.26 3.91
N LEU B 206 19.41 5.52 5.03
CA LEU B 206 18.82 6.20 6.16
C LEU B 206 19.73 7.35 6.59
N SER B 207 19.14 8.42 7.09
CA SER B 207 19.91 9.59 7.50
C SER B 207 20.26 9.52 8.98
N GLU B 208 20.98 10.52 9.46
CA GLU B 208 21.40 10.55 10.86
C GLU B 208 20.22 10.85 11.77
N LYS B 209 19.16 11.41 11.19
CA LYS B 209 17.97 11.76 11.96
C LYS B 209 16.94 10.63 11.90
N GLY B 210 17.29 9.54 11.22
CA GLY B 210 16.40 8.41 11.07
C GLY B 210 15.41 8.61 9.94
N GLY B 211 15.76 9.48 9.00
CA GLY B 211 14.90 9.76 7.87
C GLY B 211 15.21 8.88 6.68
N ALA B 212 14.17 8.50 5.94
CA ALA B 212 14.35 7.66 4.76
C ALA B 212 14.83 8.50 3.58
N LEU B 213 15.86 8.02 2.90
CA LEU B 213 16.47 8.75 1.79
C LEU B 213 16.02 8.18 0.44
N ILE B 214 15.29 8.99 -0.32
CA ILE B 214 14.73 8.55 -1.59
C ILE B 214 15.40 9.23 -2.78
N LEU B 215 16.00 8.43 -3.64
CA LEU B 215 16.63 8.94 -4.85
C LEU B 215 15.58 9.18 -5.93
N THR B 216 15.26 10.46 -6.17
CA THR B 216 14.24 10.82 -7.15
C THR B 216 14.86 11.41 -8.40
N GLU B 217 14.03 12.05 -9.23
CA GLU B 217 14.52 12.69 -10.45
C GLU B 217 15.28 13.97 -10.12
N GLU B 218 14.87 14.65 -9.05
CA GLU B 218 15.52 15.89 -8.64
C GLU B 218 16.31 15.71 -7.34
N GLY B 219 17.25 14.77 -7.36
CA GLY B 219 18.12 14.54 -6.21
C GLY B 219 17.55 13.53 -5.24
N ILE B 220 18.12 13.50 -4.03
CA ILE B 220 17.68 12.58 -3.00
C ILE B 220 16.86 13.29 -1.93
N LYS B 221 15.63 12.84 -1.74
CA LYS B 221 14.74 13.45 -0.76
C LYS B 221 14.80 12.71 0.57
N GLU B 222 14.74 13.46 1.66
CA GLU B 222 14.77 12.88 2.99
C GLU B 222 13.44 13.09 3.69
N ILE B 223 12.77 11.99 4.04
CA ILE B 223 11.47 12.07 4.70
C ILE B 223 11.60 11.86 6.20
N LEU B 224 11.20 12.86 6.97
CA LEU B 224 11.31 12.81 8.43
C LEU B 224 9.95 12.62 9.11
N SER B 225 8.88 12.70 8.33
CA SER B 225 7.54 12.52 8.88
C SER B 225 7.25 11.04 9.11
N GLY B 226 6.77 10.72 10.32
CA GLY B 226 6.48 9.35 10.69
C GLY B 226 5.11 8.90 10.26
N GLU B 227 4.36 9.78 9.61
CA GLU B 227 3.00 9.45 9.16
C GLU B 227 3.01 8.75 7.81
N PHE B 228 4.16 8.77 7.14
CA PHE B 228 4.29 8.16 5.82
C PHE B 228 4.32 6.64 5.88
N SER B 229 3.72 6.01 4.87
CA SER B 229 3.74 4.55 4.74
C SER B 229 4.59 4.16 3.53
N LEU B 230 5.36 3.09 3.69
CA LEU B 230 6.31 2.68 2.64
C LEU B 230 5.88 1.41 1.92
N ARG B 231 5.65 1.54 0.62
CA ARG B 231 5.28 0.40 -0.22
C ARG B 231 6.29 0.23 -1.35
N ARG B 232 6.52 -1.01 -1.76
CA ARG B 232 7.47 -1.28 -2.83
C ARG B 232 6.89 -0.90 -4.19
N SER B 233 7.67 -0.20 -5.00
CA SER B 233 7.23 0.25 -6.31
C SER B 233 8.01 -0.44 -7.42
#